data_1SE4
#
_entry.id   1SE4
#
_cell.length_a   45.300
_cell.length_b   71.000
_cell.length_c   78.300
_cell.angle_alpha   90.00
_cell.angle_beta   90.00
_cell.angle_gamma   90.00
#
_symmetry.space_group_name_H-M   'P 21 21 21'
#
loop_
_entity.id
_entity.type
_entity.pdbx_description
1 polymer 'STAPHYLOCOCCAL ENTEROTOXIN B'
2 branched beta-D-galactopyranose-(1-4)-beta-D-glucopyranose
3 water water
#
_entity_poly.entity_id   1
_entity_poly.type   'polypeptide(L)'
_entity_poly.pdbx_seq_one_letter_code
;ESQPDPKPDELHKSSKFTGLMENMKVLYDDNHVSAINVKSIDQFLYFDLIYSIKDTKLGNYDNVRVEFKNKDLADKYKDK
YVDVFGANYYYQCYFSKKTNDINSHQTDKRKTCMYGGVTEHNGNQLDKYRSITVRVFEDGKNLLSFDVQTNKKKVTAQEL
DYLTRHYLVKNKKLYEFNNSPYETGYIKFIENENSFWYDMMPAPGDKFDQSKYLMMYNDNKMVDSKDVKIEVYLTTKKK
;
_entity_poly.pdbx_strand_id   A
#
# COMPACT_ATOMS: atom_id res chain seq x y z
N GLU A 1 11.83 -18.91 8.28
CA GLU A 1 10.73 -17.97 8.65
C GLU A 1 11.34 -16.90 9.53
N SER A 2 12.17 -16.03 8.95
CA SER A 2 12.77 -14.98 9.76
C SER A 2 12.87 -13.58 9.12
N GLN A 3 12.42 -12.68 9.99
CA GLN A 3 12.32 -11.20 9.95
C GLN A 3 11.63 -11.37 11.29
N PRO A 4 12.40 -11.33 12.37
CA PRO A 4 11.85 -11.48 13.71
C PRO A 4 10.38 -11.09 13.86
N ASP A 5 9.59 -12.04 14.34
CA ASP A 5 8.18 -11.85 14.62
C ASP A 5 8.16 -10.72 15.61
N PRO A 6 7.12 -9.92 15.62
CA PRO A 6 7.15 -8.86 16.60
C PRO A 6 6.91 -9.36 17.99
N LYS A 7 7.62 -8.75 18.92
CA LYS A 7 7.45 -9.04 20.32
C LYS A 7 6.21 -8.21 20.65
N PRO A 8 5.24 -8.80 21.37
CA PRO A 8 3.98 -8.10 21.73
C PRO A 8 4.08 -6.62 22.15
N ASP A 9 5.21 -6.24 22.75
CA ASP A 9 5.43 -4.86 23.18
C ASP A 9 6.00 -3.99 22.08
N GLU A 10 6.32 -4.64 20.96
CA GLU A 10 6.88 -3.98 19.80
C GLU A 10 5.82 -3.27 18.95
N LEU A 11 4.61 -3.83 18.94
CA LEU A 11 3.52 -3.31 18.15
C LEU A 11 2.86 -2.03 18.67
N HIS A 12 2.40 -1.20 17.75
CA HIS A 12 1.73 0.03 18.13
C HIS A 12 0.41 -0.40 18.77
N LYS A 13 -0.01 0.31 19.80
CA LYS A 13 -1.27 0.01 20.47
C LYS A 13 -2.29 1.04 19.98
N SER A 14 -3.39 0.62 19.39
CA SER A 14 -4.37 1.58 18.91
C SER A 14 -4.93 2.47 20.02
N SER A 15 -4.87 2.02 21.26
CA SER A 15 -5.38 2.86 22.35
C SER A 15 -4.39 4.00 22.63
N LYS A 16 -3.16 3.85 22.15
CA LYS A 16 -2.12 4.87 22.32
C LYS A 16 -2.24 5.95 21.28
N PHE A 17 -3.04 5.70 20.26
CA PHE A 17 -3.24 6.69 19.22
C PHE A 17 -4.53 7.37 19.64
N THR A 18 -4.48 8.67 19.82
CA THR A 18 -5.66 9.38 20.24
C THR A 18 -6.05 10.42 19.22
N GLY A 19 -5.95 10.10 17.94
CA GLY A 19 -6.31 11.13 16.98
C GLY A 19 -7.03 10.90 15.66
N LEU A 20 -8.14 10.21 15.63
CA LEU A 20 -8.89 10.04 14.38
C LEU A 20 -8.37 8.97 13.46
N MET A 21 -8.97 7.79 13.61
CA MET A 21 -8.61 6.61 12.85
C MET A 21 -9.09 6.74 11.40
N GLU A 22 -9.98 7.70 11.15
CA GLU A 22 -10.51 7.89 9.80
C GLU A 22 -9.44 8.11 8.75
N ASN A 23 -8.34 8.75 9.15
CA ASN A 23 -7.22 9.07 8.27
C ASN A 23 -6.44 7.85 7.82
N MET A 24 -6.56 6.78 8.60
CA MET A 24 -5.90 5.51 8.31
C MET A 24 -6.90 4.73 7.48
N LYS A 25 -8.14 4.78 7.91
CA LYS A 25 -9.21 4.09 7.20
C LYS A 25 -9.27 4.42 5.71
N VAL A 26 -9.29 5.69 5.37
CA VAL A 26 -9.38 6.14 3.97
C VAL A 26 -8.39 5.50 2.98
N LEU A 27 -7.21 5.18 3.48
CA LEU A 27 -6.18 4.60 2.64
C LEU A 27 -6.57 3.20 2.22
N TYR A 28 -7.39 2.56 3.03
CA TYR A 28 -7.81 1.21 2.75
C TYR A 28 -9.30 1.08 2.54
N ASP A 29 -9.94 2.15 2.13
CA ASP A 29 -11.37 2.07 1.88
C ASP A 29 -11.49 1.70 0.40
N ASP A 30 -12.52 2.11 -0.32
CA ASP A 30 -12.60 1.64 -1.71
C ASP A 30 -11.71 2.29 -2.76
N ASN A 31 -11.24 3.51 -2.48
CA ASN A 31 -10.41 4.28 -3.41
C ASN A 31 -8.98 3.81 -3.39
N HIS A 32 -8.35 3.80 -4.56
CA HIS A 32 -6.96 3.42 -4.66
C HIS A 32 -6.55 3.66 -6.11
N VAL A 33 -5.24 3.70 -6.36
CA VAL A 33 -4.70 3.92 -7.71
C VAL A 33 -4.46 2.57 -8.38
N SER A 34 -4.95 2.43 -9.61
CA SER A 34 -4.80 1.21 -10.37
C SER A 34 -4.73 1.56 -11.84
N ALA A 35 -3.75 1.03 -12.56
CA ALA A 35 -3.64 1.27 -14.00
C ALA A 35 -2.83 0.15 -14.55
N ILE A 36 -3.14 -0.26 -15.78
CA ILE A 36 -2.40 -1.33 -16.40
C ILE A 36 -1.86 -0.94 -17.79
N ASN A 37 -0.56 -1.19 -17.95
CA ASN A 37 0.18 -0.89 -19.16
C ASN A 37 0.32 0.62 -19.40
N VAL A 38 0.93 1.29 -18.44
CA VAL A 38 1.18 2.72 -18.59
C VAL A 38 2.68 2.98 -18.56
N LYS A 39 3.08 4.18 -18.93
CA LYS A 39 4.49 4.53 -19.01
C LYS A 39 4.73 5.88 -18.34
N SER A 40 5.83 6.02 -17.61
CA SER A 40 6.09 7.31 -16.97
C SER A 40 6.15 8.37 -18.05
N ILE A 41 5.70 9.57 -17.73
CA ILE A 41 5.69 10.65 -18.69
C ILE A 41 6.48 11.86 -18.23
N ASP A 42 6.93 11.82 -16.98
CA ASP A 42 7.70 12.91 -16.41
C ASP A 42 8.38 12.45 -15.13
N GLN A 43 9.05 13.37 -14.46
CA GLN A 43 9.75 13.10 -13.24
C GLN A 43 9.91 14.45 -12.55
N PHE A 44 9.70 14.46 -11.24
CA PHE A 44 9.82 15.64 -10.40
C PHE A 44 11.16 15.58 -9.70
N LEU A 45 11.38 14.56 -8.88
CA LEU A 45 12.64 14.39 -8.17
C LEU A 45 13.30 13.16 -8.79
N TYR A 46 14.60 12.98 -8.56
CA TYR A 46 15.29 11.87 -9.16
C TYR A 46 14.88 10.48 -8.64
N PHE A 47 14.09 10.45 -7.57
CA PHE A 47 13.64 9.17 -7.03
C PHE A 47 12.13 8.93 -7.21
N ASP A 48 11.51 9.64 -8.15
CA ASP A 48 10.08 9.45 -8.41
C ASP A 48 9.82 9.38 -9.90
N LEU A 49 8.55 9.21 -10.26
CA LEU A 49 8.15 9.11 -11.65
C LEU A 49 6.75 9.64 -11.70
N ILE A 50 6.39 10.33 -12.76
CA ILE A 50 5.05 10.85 -12.83
C ILE A 50 4.28 10.08 -13.87
N TYR A 51 3.05 9.70 -13.54
CA TYR A 51 2.19 8.94 -14.45
C TYR A 51 0.91 9.67 -14.75
N SER A 52 0.48 9.54 -15.99
CA SER A 52 -0.77 10.10 -16.43
C SER A 52 -1.86 9.05 -16.13
N ILE A 53 -2.34 9.00 -14.89
CA ILE A 53 -3.41 8.06 -14.52
C ILE A 53 -4.59 8.90 -14.02
N LYS A 54 -5.69 8.87 -14.76
CA LYS A 54 -6.87 9.64 -14.39
C LYS A 54 -7.79 8.89 -13.42
N ASP A 55 -8.30 9.60 -12.41
CA ASP A 55 -9.22 9.03 -11.45
C ASP A 55 -10.45 8.66 -12.27
N THR A 56 -10.55 7.38 -12.56
CA THR A 56 -11.61 6.82 -13.40
C THR A 56 -13.08 6.81 -12.88
N LYS A 57 -13.34 7.55 -11.79
CA LYS A 57 -14.67 7.67 -11.17
C LYS A 57 -14.88 9.05 -10.58
N LEU A 58 -14.23 9.32 -9.46
CA LEU A 58 -14.38 10.62 -8.82
C LEU A 58 -13.72 11.79 -9.54
N GLY A 59 -12.89 11.45 -10.54
CA GLY A 59 -12.17 12.47 -11.27
C GLY A 59 -11.36 13.30 -10.31
N ASN A 60 -10.82 12.66 -9.29
CA ASN A 60 -10.02 13.35 -8.29
C ASN A 60 -8.59 13.63 -8.70
N TYR A 61 -8.03 12.86 -9.61
CA TYR A 61 -6.67 13.11 -10.03
C TYR A 61 -6.49 12.85 -11.50
N ASP A 62 -5.47 13.47 -12.06
CA ASP A 62 -5.12 13.31 -13.46
C ASP A 62 -3.67 12.80 -13.59
N ASN A 63 -2.88 13.04 -12.56
CA ASN A 63 -1.50 12.63 -12.53
C ASN A 63 -1.18 12.06 -11.20
N VAL A 64 -0.38 10.98 -11.19
CA VAL A 64 0.03 10.27 -9.97
C VAL A 64 1.55 10.26 -9.83
N ARG A 65 2.04 10.72 -8.70
CA ARG A 65 3.46 10.69 -8.45
C ARG A 65 3.86 9.41 -7.66
N VAL A 66 4.69 8.57 -8.24
CA VAL A 66 5.14 7.37 -7.55
C VAL A 66 6.54 7.70 -6.99
N GLU A 67 6.72 7.60 -5.68
CA GLU A 67 8.01 7.88 -5.06
C GLU A 67 8.67 6.59 -4.66
N PHE A 68 9.95 6.45 -4.98
CA PHE A 68 10.66 5.24 -4.63
C PHE A 68 11.61 5.49 -3.49
N LYS A 69 12.23 4.43 -3.01
CA LYS A 69 13.19 4.55 -1.92
C LYS A 69 14.48 5.24 -2.39
N ASN A 70 14.81 5.08 -3.67
CA ASN A 70 16.03 5.67 -4.20
C ASN A 70 16.01 5.81 -5.71
N LYS A 71 17.09 6.38 -6.25
CA LYS A 71 17.22 6.60 -7.69
C LYS A 71 17.16 5.34 -8.54
N ASP A 72 17.80 4.28 -8.08
CA ASP A 72 17.79 3.01 -8.80
C ASP A 72 16.41 2.54 -9.23
N LEU A 73 15.49 2.50 -8.27
CA LEU A 73 14.14 2.03 -8.54
C LEU A 73 13.46 2.93 -9.56
N ALA A 74 13.69 4.24 -9.46
CA ALA A 74 13.11 5.16 -10.41
C ALA A 74 13.74 4.98 -11.80
N ASP A 75 15.04 4.70 -11.84
CA ASP A 75 15.74 4.52 -13.11
C ASP A 75 15.25 3.31 -13.84
N LYS A 76 15.14 2.23 -13.09
CA LYS A 76 14.70 0.94 -13.59
C LYS A 76 13.38 1.00 -14.33
N TYR A 77 12.44 1.77 -13.77
CA TYR A 77 11.12 1.87 -14.35
C TYR A 77 10.82 3.04 -15.28
N LYS A 78 11.81 3.91 -15.46
CA LYS A 78 11.67 5.06 -16.33
C LYS A 78 11.52 4.52 -17.73
N ASP A 79 10.53 5.03 -18.45
CA ASP A 79 10.29 4.61 -19.81
C ASP A 79 9.65 3.22 -20.00
N LYS A 80 9.72 2.34 -19.01
CA LYS A 80 9.11 1.02 -19.15
C LYS A 80 7.61 1.04 -18.97
N TYR A 81 6.91 0.12 -19.63
CA TYR A 81 5.45 0.04 -19.52
C TYR A 81 5.12 -0.81 -18.30
N VAL A 82 4.45 -0.20 -17.33
CA VAL A 82 4.11 -0.88 -16.08
C VAL A 82 2.64 -0.82 -15.71
N ASP A 83 2.32 -1.52 -14.64
CA ASP A 83 0.99 -1.54 -14.08
C ASP A 83 1.27 -0.84 -12.77
N VAL A 84 0.29 -0.13 -12.27
CA VAL A 84 0.44 0.58 -11.03
C VAL A 84 -0.74 0.17 -10.17
N PHE A 85 -0.49 0.03 -8.88
CA PHE A 85 -1.53 -0.34 -7.92
C PHE A 85 -1.11 0.07 -6.51
N GLY A 86 -1.92 0.86 -5.81
CA GLY A 86 -1.53 1.22 -4.47
C GLY A 86 -2.36 2.26 -3.76
N ALA A 87 -2.05 2.51 -2.49
CA ALA A 87 -2.77 3.48 -1.69
C ALA A 87 -2.18 4.87 -1.86
N ASN A 88 -3.02 5.83 -2.20
CA ASN A 88 -2.55 7.19 -2.43
C ASN A 88 -3.01 8.18 -1.39
N TYR A 89 -2.30 9.29 -1.34
CA TYR A 89 -2.60 10.34 -0.41
C TYR A 89 -2.64 11.64 -1.14
N TYR A 90 -3.21 12.62 -0.48
CA TYR A 90 -3.39 13.91 -1.07
C TYR A 90 -2.85 15.02 -0.20
N TYR A 91 -3.10 14.91 1.10
CA TYR A 91 -2.74 15.95 2.06
C TYR A 91 -1.32 16.49 2.05
N GLN A 92 -0.33 15.61 2.06
CA GLN A 92 1.02 16.12 2.08
C GLN A 92 1.66 15.85 0.73
N CYS A 93 0.83 15.78 -0.30
CA CYS A 93 1.31 15.48 -1.64
C CYS A 93 1.53 16.71 -2.48
N TYR A 94 2.61 16.72 -3.26
CA TYR A 94 2.90 17.83 -4.13
C TYR A 94 4.10 17.59 -4.99
N PHE A 95 4.00 18.09 -6.21
CA PHE A 95 5.10 17.95 -7.11
C PHE A 95 4.96 18.90 -8.29
N SER A 96 6.08 19.03 -9.00
CA SER A 96 6.31 19.80 -10.21
C SER A 96 5.90 21.22 -10.39
N LYS A 97 4.62 21.50 -10.17
CA LYS A 97 4.05 22.84 -10.32
C LYS A 97 3.89 23.45 -11.73
N LYS A 98 4.59 22.92 -12.73
CA LYS A 98 4.49 23.42 -14.11
C LYS A 98 5.60 22.85 -15.00
N THR A 99 5.47 23.05 -16.31
CA THR A 99 6.49 22.57 -17.25
C THR A 99 7.55 23.67 -17.35
N ASN A 100 8.39 23.76 -16.33
CA ASN A 100 9.43 24.77 -16.28
C ASN A 100 10.79 24.30 -16.74
N ASP A 101 11.59 25.23 -17.24
CA ASP A 101 12.94 24.94 -17.70
C ASP A 101 13.80 24.90 -16.45
N ILE A 102 14.96 24.25 -16.54
CA ILE A 102 15.89 24.11 -15.42
C ILE A 102 15.29 23.12 -14.42
N ASN A 103 14.19 23.50 -13.78
CA ASN A 103 13.51 22.64 -12.83
C ASN A 103 12.62 21.71 -13.65
N SER A 104 13.15 20.56 -14.02
CA SER A 104 12.42 19.58 -14.82
C SER A 104 11.06 19.28 -14.19
N HIS A 105 9.99 19.65 -14.88
CA HIS A 105 8.65 19.44 -14.37
C HIS A 105 7.57 19.50 -15.46
N GLN A 106 6.32 19.34 -15.03
CA GLN A 106 5.13 19.33 -15.90
C GLN A 106 3.98 19.09 -14.91
N THR A 107 2.82 18.67 -15.41
CA THR A 107 1.64 18.36 -14.58
C THR A 107 0.74 19.55 -14.30
N ASP A 108 -0.47 19.46 -14.82
CA ASP A 108 -1.50 20.49 -14.67
C ASP A 108 -2.80 19.83 -14.11
N LYS A 109 -3.40 20.50 -13.11
CA LYS A 109 -4.64 20.06 -12.47
C LYS A 109 -4.67 18.65 -11.89
N ARG A 110 -5.14 18.58 -10.64
CA ARG A 110 -5.33 17.38 -9.86
C ARG A 110 -4.26 16.27 -9.80
N LYS A 111 -3.50 16.34 -8.71
CA LYS A 111 -2.38 15.46 -8.41
C LYS A 111 -2.63 14.55 -7.20
N THR A 112 -2.00 13.40 -7.20
CA THR A 112 -2.05 12.48 -6.06
C THR A 112 -0.64 11.87 -5.92
N CYS A 113 -0.35 11.32 -4.76
CA CYS A 113 0.97 10.77 -4.52
C CYS A 113 0.90 9.40 -3.92
N MET A 114 1.88 8.55 -4.22
CA MET A 114 1.92 7.19 -3.67
C MET A 114 3.35 6.75 -3.69
N TYR A 115 3.61 5.62 -3.05
CA TYR A 115 4.92 5.04 -2.96
C TYR A 115 4.92 3.67 -3.61
N GLY A 116 6.00 3.32 -4.30
CA GLY A 116 6.12 2.04 -4.96
C GLY A 116 4.89 1.59 -5.75
N GLY A 117 4.52 0.31 -5.60
CA GLY A 117 3.35 -0.24 -6.27
C GLY A 117 3.47 -0.34 -7.78
N VAL A 118 4.68 -0.63 -8.25
CA VAL A 118 4.92 -0.73 -9.68
C VAL A 118 5.60 -2.01 -10.08
N THR A 119 5.18 -2.56 -11.21
CA THR A 119 5.72 -3.79 -11.78
C THR A 119 5.70 -3.70 -13.29
N GLU A 120 6.64 -4.37 -13.94
CA GLU A 120 6.69 -4.38 -15.39
C GLU A 120 5.41 -5.06 -15.91
N HIS A 121 4.79 -4.48 -16.94
CA HIS A 121 3.60 -5.08 -17.49
C HIS A 121 3.98 -6.34 -18.25
N ASN A 122 4.81 -6.13 -19.26
CA ASN A 122 5.36 -7.16 -20.13
C ASN A 122 5.89 -8.45 -19.43
N GLY A 123 5.38 -9.62 -19.80
CA GLY A 123 5.84 -10.87 -19.19
C GLY A 123 5.43 -11.15 -17.74
N ASN A 124 4.66 -10.26 -17.13
CA ASN A 124 4.21 -10.42 -15.76
C ASN A 124 2.70 -10.65 -15.70
N GLN A 125 2.12 -11.03 -16.84
CA GLN A 125 0.69 -11.29 -16.90
C GLN A 125 0.30 -12.76 -16.91
N LEU A 126 -0.87 -13.00 -16.35
CA LEU A 126 -1.48 -14.32 -16.27
C LEU A 126 -2.89 -14.06 -16.72
N ASP A 127 -3.41 -14.95 -17.56
CA ASP A 127 -4.82 -14.84 -17.87
C ASP A 127 -5.13 -15.92 -16.83
N LYS A 128 -6.11 -15.65 -16.01
CA LYS A 128 -6.50 -16.55 -14.93
C LYS A 128 -5.84 -16.10 -13.62
N TYR A 129 -6.62 -15.28 -12.93
CA TYR A 129 -6.27 -14.70 -11.65
C TYR A 129 -5.90 -15.82 -10.71
N ARG A 130 -4.80 -15.60 -9.99
CA ARG A 130 -4.33 -16.53 -9.00
C ARG A 130 -4.99 -16.09 -7.69
N SER A 131 -5.39 -17.05 -6.86
CA SER A 131 -6.01 -16.71 -5.57
C SER A 131 -5.03 -16.97 -4.43
N ILE A 132 -4.82 -15.93 -3.62
CA ILE A 132 -3.91 -15.99 -2.46
C ILE A 132 -4.76 -16.06 -1.21
N THR A 133 -4.43 -16.98 -0.31
CA THR A 133 -5.19 -17.12 0.92
C THR A 133 -4.73 -16.25 2.06
N VAL A 134 -5.73 -15.69 2.75
CA VAL A 134 -5.48 -14.88 3.90
C VAL A 134 -6.10 -15.57 5.10
N ARG A 135 -5.31 -15.85 6.11
CA ARG A 135 -5.78 -16.47 7.35
C ARG A 135 -5.66 -15.42 8.47
N VAL A 136 -6.77 -14.93 9.00
CA VAL A 136 -6.72 -13.92 10.07
C VAL A 136 -6.95 -14.58 11.43
N PHE A 137 -6.23 -14.13 12.43
CA PHE A 137 -6.33 -14.69 13.76
C PHE A 137 -6.78 -13.58 14.71
N GLU A 138 -7.69 -13.90 15.63
CA GLU A 138 -8.15 -12.92 16.61
C GLU A 138 -7.83 -13.48 17.97
N ASP A 139 -6.83 -12.89 18.62
CA ASP A 139 -6.35 -13.30 19.94
C ASP A 139 -5.83 -14.73 19.90
N GLY A 140 -5.30 -15.16 18.77
CA GLY A 140 -4.77 -16.50 18.67
C GLY A 140 -5.60 -17.57 17.97
N LYS A 141 -6.85 -17.27 17.65
CA LYS A 141 -7.73 -18.24 17.00
C LYS A 141 -8.01 -17.93 15.54
N ASN A 142 -7.86 -18.91 14.66
CA ASN A 142 -8.12 -18.70 13.24
C ASN A 142 -9.63 -18.63 12.96
N LEU A 143 -10.21 -17.47 13.27
CA LEU A 143 -11.64 -17.26 13.08
C LEU A 143 -12.17 -17.21 11.65
N LEU A 144 -11.32 -16.94 10.67
CA LEU A 144 -11.78 -16.90 9.29
C LEU A 144 -10.64 -16.82 8.29
N SER A 145 -10.96 -17.12 7.05
CA SER A 145 -10.02 -17.10 5.95
C SER A 145 -10.80 -16.61 4.74
N PHE A 146 -10.13 -15.83 3.90
CA PHE A 146 -10.74 -15.30 2.70
C PHE A 146 -9.66 -15.22 1.67
N ASP A 147 -10.08 -15.08 0.42
CA ASP A 147 -9.15 -15.03 -0.69
C ASP A 147 -8.98 -13.68 -1.29
N VAL A 148 -7.79 -13.45 -1.82
CA VAL A 148 -7.45 -12.21 -2.47
C VAL A 148 -6.95 -12.63 -3.84
N GLN A 149 -7.35 -11.94 -4.90
CA GLN A 149 -6.89 -12.34 -6.23
C GLN A 149 -6.00 -11.35 -6.95
N THR A 150 -5.02 -11.87 -7.69
CA THR A 150 -4.14 -11.05 -8.49
C THR A 150 -3.82 -11.84 -9.76
N ASN A 151 -3.66 -11.13 -10.89
CA ASN A 151 -3.34 -11.79 -12.15
C ASN A 151 -1.94 -11.43 -12.55
N LYS A 152 -1.11 -11.11 -11.58
CA LYS A 152 0.28 -10.75 -11.81
C LYS A 152 1.11 -11.87 -11.25
N LYS A 153 2.16 -12.25 -11.96
CA LYS A 153 3.03 -13.29 -11.48
C LYS A 153 3.79 -12.67 -10.33
N LYS A 154 4.38 -11.51 -10.57
CA LYS A 154 5.10 -10.74 -9.52
C LYS A 154 4.14 -9.63 -9.10
N VAL A 155 3.86 -9.54 -7.81
CA VAL A 155 2.92 -8.58 -7.27
C VAL A 155 3.56 -7.91 -6.05
N THR A 156 3.37 -6.60 -5.95
CA THR A 156 3.92 -5.84 -4.83
C THR A 156 3.25 -6.22 -3.53
N ALA A 157 3.98 -6.18 -2.44
CA ALA A 157 3.36 -6.45 -1.16
C ALA A 157 2.27 -5.40 -0.94
N GLN A 158 2.48 -4.19 -1.45
CA GLN A 158 1.51 -3.13 -1.28
C GLN A 158 0.11 -3.51 -1.71
N GLU A 159 0.02 -4.15 -2.87
CA GLU A 159 -1.25 -4.58 -3.45
C GLU A 159 -1.97 -5.67 -2.63
N LEU A 160 -1.21 -6.66 -2.18
CA LEU A 160 -1.76 -7.74 -1.37
C LEU A 160 -2.20 -7.16 -0.03
N ASP A 161 -1.42 -6.21 0.47
CA ASP A 161 -1.72 -5.54 1.73
C ASP A 161 -3.03 -4.74 1.64
N TYR A 162 -3.15 -3.89 0.63
CA TYR A 162 -4.34 -3.08 0.45
C TYR A 162 -5.53 -3.97 0.30
N LEU A 163 -5.38 -5.00 -0.52
CA LEU A 163 -6.45 -5.96 -0.79
C LEU A 163 -6.97 -6.60 0.50
N THR A 164 -6.04 -7.10 1.30
CA THR A 164 -6.36 -7.75 2.56
C THR A 164 -7.06 -6.80 3.52
N ARG A 165 -6.46 -5.65 3.77
CA ARG A 165 -7.01 -4.67 4.68
C ARG A 165 -8.34 -4.10 4.21
N HIS A 166 -8.55 -4.05 2.89
CA HIS A 166 -9.81 -3.53 2.37
C HIS A 166 -10.95 -4.46 2.79
N TYR A 167 -10.72 -5.76 2.72
CA TYR A 167 -11.72 -6.72 3.14
C TYR A 167 -11.95 -6.61 4.66
N LEU A 168 -10.88 -6.53 5.44
CA LEU A 168 -11.03 -6.40 6.88
C LEU A 168 -11.74 -5.12 7.31
N VAL A 169 -11.59 -4.03 6.57
CA VAL A 169 -12.29 -2.81 6.95
C VAL A 169 -13.78 -3.02 6.68
N LYS A 170 -14.11 -3.69 5.58
CA LYS A 170 -15.50 -3.92 5.28
C LYS A 170 -16.21 -4.92 6.17
N ASN A 171 -15.58 -6.04 6.46
CA ASN A 171 -16.22 -7.08 7.28
C ASN A 171 -15.86 -7.19 8.76
N LYS A 172 -14.74 -6.59 9.17
CA LYS A 172 -14.29 -6.66 10.55
C LYS A 172 -14.18 -5.33 11.23
N LYS A 173 -14.54 -4.24 10.54
CA LYS A 173 -14.48 -2.90 11.11
C LYS A 173 -13.05 -2.63 11.59
N LEU A 174 -12.05 -3.12 10.85
CA LEU A 174 -10.62 -2.95 11.22
C LEU A 174 -10.29 -1.53 11.68
N TYR A 175 -10.76 -0.54 10.92
CA TYR A 175 -10.55 0.85 11.26
C TYR A 175 -11.93 1.48 11.16
N GLU A 176 -12.23 2.35 12.10
CA GLU A 176 -13.50 3.04 12.13
C GLU A 176 -13.14 4.48 12.20
N PHE A 177 -14.13 5.36 12.15
CA PHE A 177 -13.92 6.79 12.20
C PHE A 177 -12.94 7.27 13.26
N ASN A 178 -13.30 7.05 14.51
CA ASN A 178 -12.48 7.51 15.60
C ASN A 178 -11.74 6.40 16.32
N ASN A 179 -11.89 5.17 15.85
CA ASN A 179 -11.25 4.06 16.52
C ASN A 179 -11.23 2.78 15.74
N SER A 180 -10.75 1.74 16.42
CA SER A 180 -10.63 0.39 15.88
C SER A 180 -10.91 -0.56 17.03
N PRO A 181 -11.64 -1.65 16.78
CA PRO A 181 -11.89 -2.58 17.88
C PRO A 181 -10.66 -3.37 18.27
N TYR A 182 -9.61 -3.31 17.47
CA TYR A 182 -8.39 -4.04 17.77
C TYR A 182 -7.34 -3.20 18.41
N GLU A 183 -6.61 -3.79 19.35
CA GLU A 183 -5.55 -3.07 20.04
C GLU A 183 -4.32 -3.11 19.14
N THR A 184 -3.86 -4.30 18.74
CA THR A 184 -2.70 -4.40 17.86
C THR A 184 -3.05 -5.23 16.63
N GLY A 185 -2.15 -5.33 15.68
CA GLY A 185 -2.44 -6.13 14.53
C GLY A 185 -1.30 -6.05 13.56
N TYR A 186 -1.04 -7.11 12.82
CA TYR A 186 -0.01 -7.05 11.80
C TYR A 186 -0.24 -8.03 10.70
N ILE A 187 0.21 -7.66 9.51
CA ILE A 187 0.05 -8.49 8.32
C ILE A 187 1.39 -9.11 8.02
N LYS A 188 1.38 -10.43 7.99
CA LYS A 188 2.57 -11.23 7.72
C LYS A 188 2.52 -11.90 6.36
N PHE A 189 3.51 -11.63 5.52
CA PHE A 189 3.57 -12.25 4.20
C PHE A 189 4.59 -13.37 4.32
N ILE A 190 4.38 -14.47 3.64
CA ILE A 190 5.33 -15.57 3.74
C ILE A 190 5.57 -16.16 2.38
N GLU A 191 6.84 -16.24 1.98
CA GLU A 191 7.16 -16.82 0.70
C GLU A 191 7.84 -18.14 1.04
N ASN A 192 8.93 -18.05 1.78
CA ASN A 192 9.64 -19.27 2.20
C ASN A 192 10.40 -19.03 3.51
N GLU A 193 11.73 -19.05 3.50
CA GLU A 193 12.47 -18.76 4.74
C GLU A 193 12.12 -17.30 4.99
N ASN A 194 11.73 -16.66 3.88
CA ASN A 194 11.37 -15.26 3.80
C ASN A 194 9.97 -14.89 4.28
N SER A 195 9.92 -14.11 5.34
CA SER A 195 8.68 -13.68 5.89
C SER A 195 9.02 -12.29 6.31
N PHE A 196 8.03 -11.42 6.26
CA PHE A 196 8.17 -10.03 6.65
C PHE A 196 6.77 -9.57 7.01
N TRP A 197 6.69 -8.62 7.91
CA TRP A 197 5.41 -8.11 8.36
C TRP A 197 5.38 -6.60 8.41
N TYR A 198 4.16 -6.07 8.47
CA TYR A 198 3.93 -4.64 8.56
C TYR A 198 3.03 -4.44 9.73
N ASP A 199 3.23 -3.35 10.44
CA ASP A 199 2.39 -3.00 11.57
C ASP A 199 1.19 -2.27 10.97
N MET A 200 -0.02 -2.77 11.27
CA MET A 200 -1.26 -2.19 10.74
C MET A 200 -1.81 -1.06 11.55
N MET A 201 -1.24 -0.82 12.73
CA MET A 201 -1.74 0.24 13.57
C MET A 201 -0.86 1.47 13.53
N PRO A 202 -1.47 2.64 13.68
CA PRO A 202 -0.75 3.90 13.68
C PRO A 202 0.06 4.12 14.98
N ALA A 203 1.13 4.90 14.83
CA ALA A 203 2.05 5.26 15.90
C ALA A 203 1.31 6.04 16.98
N PRO A 204 1.83 6.03 18.22
CA PRO A 204 1.20 6.75 19.32
C PRO A 204 1.13 8.22 19.05
N GLY A 205 0.15 8.88 19.62
CA GLY A 205 0.10 10.30 19.41
C GLY A 205 -1.24 10.79 18.97
N ASP A 206 -1.29 12.10 18.79
CA ASP A 206 -2.51 12.72 18.40
C ASP A 206 -2.69 12.85 16.91
N LYS A 207 -1.62 12.73 16.14
CA LYS A 207 -1.78 12.80 14.70
C LYS A 207 -1.10 11.67 13.99
N PHE A 208 -1.65 11.36 12.83
CA PHE A 208 -1.22 10.30 11.97
C PHE A 208 -0.69 10.94 10.69
N ASP A 209 0.52 10.54 10.31
CA ASP A 209 1.16 11.06 9.11
C ASP A 209 0.94 10.02 8.02
N GLN A 210 -0.02 10.27 7.14
CA GLN A 210 -0.34 9.35 6.06
C GLN A 210 0.87 9.12 5.20
N SER A 211 1.52 10.21 4.82
CA SER A 211 2.70 10.14 3.97
C SER A 211 3.82 9.30 4.62
N LYS A 212 4.07 9.54 5.89
CA LYS A 212 5.09 8.81 6.61
C LYS A 212 4.66 7.37 6.78
N TYR A 213 3.37 7.11 6.93
CA TYR A 213 2.90 5.75 7.09
C TYR A 213 3.02 4.98 5.77
N LEU A 214 2.58 5.60 4.69
CA LEU A 214 2.64 4.94 3.39
C LEU A 214 4.07 4.80 2.90
N MET A 215 5.01 5.46 3.56
CA MET A 215 6.39 5.36 3.12
C MET A 215 7.00 3.98 3.17
N MET A 216 6.53 3.12 4.05
CA MET A 216 7.06 1.77 4.14
C MET A 216 6.96 0.99 2.84
N TYR A 217 6.10 1.43 1.93
CA TYR A 217 5.96 0.77 0.64
C TYR A 217 6.92 1.29 -0.42
N ASN A 218 7.72 2.30 -0.10
CA ASN A 218 8.63 2.84 -1.11
C ASN A 218 9.71 1.91 -1.64
N ASP A 219 9.96 0.80 -0.96
CA ASP A 219 10.96 -0.17 -1.42
C ASP A 219 10.48 -1.03 -2.59
N ASN A 220 9.22 -0.84 -2.98
CA ASN A 220 8.62 -1.56 -4.08
C ASN A 220 8.79 -3.05 -3.91
N LYS A 221 8.72 -3.53 -2.67
CA LYS A 221 8.87 -4.95 -2.36
C LYS A 221 7.87 -5.78 -3.13
N MET A 222 8.39 -6.78 -3.81
CA MET A 222 7.58 -7.64 -4.61
C MET A 222 7.56 -9.04 -4.05
N VAL A 223 6.58 -9.81 -4.49
CA VAL A 223 6.41 -11.15 -3.99
C VAL A 223 5.88 -11.95 -5.17
N ASP A 224 6.04 -13.26 -5.12
CA ASP A 224 5.57 -14.11 -6.20
C ASP A 224 4.21 -14.59 -5.78
N SER A 225 3.18 -14.30 -6.57
CA SER A 225 1.82 -14.70 -6.21
C SER A 225 1.64 -16.18 -6.02
N LYS A 226 2.53 -16.98 -6.61
CA LYS A 226 2.40 -18.41 -6.47
C LYS A 226 2.96 -18.91 -5.17
N ASP A 227 3.87 -18.18 -4.54
CA ASP A 227 4.44 -18.67 -3.31
C ASP A 227 3.92 -18.02 -2.04
N VAL A 228 3.16 -16.93 -2.17
CA VAL A 228 2.69 -16.25 -0.97
C VAL A 228 1.46 -16.75 -0.22
N LYS A 229 1.52 -16.49 1.08
CA LYS A 229 0.47 -16.81 2.03
C LYS A 229 0.46 -15.61 2.96
N ILE A 230 -0.71 -15.15 3.38
CA ILE A 230 -0.81 -13.99 4.27
C ILE A 230 -1.54 -14.38 5.55
N GLU A 231 -1.03 -13.96 6.69
CA GLU A 231 -1.66 -14.24 7.97
C GLU A 231 -1.80 -12.89 8.68
N VAL A 232 -2.97 -12.58 9.20
CA VAL A 232 -3.15 -11.33 9.92
C VAL A 232 -3.32 -11.72 11.37
N TYR A 233 -2.70 -10.99 12.29
CA TYR A 233 -2.83 -11.30 13.68
C TYR A 233 -3.34 -10.05 14.36
N LEU A 234 -4.58 -10.11 14.82
CA LEU A 234 -5.26 -9.04 15.50
C LEU A 234 -5.49 -9.45 16.95
N THR A 235 -5.48 -8.47 17.82
CA THR A 235 -5.65 -8.64 19.27
C THR A 235 -6.75 -7.67 19.65
N THR A 236 -7.67 -8.12 20.50
CA THR A 236 -8.80 -7.28 20.92
C THR A 236 -8.46 -6.37 22.06
N LYS A 237 -8.90 -5.12 21.93
CA LYS A 237 -8.66 -4.12 22.93
C LYS A 237 -9.42 -4.59 24.12
N LYS A 238 -8.78 -4.50 25.27
CA LYS A 238 -9.35 -4.86 26.56
C LYS A 238 -10.81 -4.41 26.53
N LYS A 239 -11.68 -5.36 26.18
CA LYS A 239 -13.13 -5.21 26.04
C LYS A 239 -13.72 -4.00 26.74
#